data_5AH1
#
_entry.id   5AH1
#
_cell.length_a   51.240
_cell.length_b   64.710
_cell.length_c   69.790
_cell.angle_alpha   90.00
_cell.angle_beta   106.93
_cell.angle_gamma   90.00
#
_symmetry.space_group_name_H-M   'P 1 21 1'
#
loop_
_entity.id
_entity.type
_entity.pdbx_description
1 polymer 'TRIACYLGLYCEROL LIPASE'
2 non-polymer 'ZINC ION'
3 non-polymer 'POTASSIUM ION'
4 water water
#
_entity_poly.entity_id   1
_entity_poly.type   'polypeptide(L)'
_entity_poly.pdbx_seq_one_letter_code
;MAEPKAQGTQKVESSTTKKEVKDAEETIKIPTLEDIDNLIDSAEEVKSEEDINKMPPLKFPVEFPEVNTRSIIGGNNYPI
VLVHGFMGFGRDELLGYKYWGGVVDLQEKLNASGHETYTATVGPVSSNWDRACELYAYIVGGTVDYGEAHAKKFKHNRYG
RTYPGIYKNISNENKIHLIGHSMGGQTIRTLTQLLSEGSEEEINCGQENISPLFEGGKHWIHSVSTISTPNDGTTLSDLM
PAKDLISYTFGVLGTITGKNKLFSSIYDLKLDQWGLKKQNGESQRDYIERVLDSNIWNSTKDIATYDLSTEGAQELNTWV
KAQPDVYYFSWTTQATKESILTGHSVAQIGPMNPIFYPTANLMGRYSRNQKDLPIIDKKWFPNDGVVNCISQDGPKLGSN
DVIEQYNGGVKIGQWNAMPRIINTDHMDIVGTFGNVKDWYMDYASFLSNLSRALEHHHHHH
;
_entity_poly.pdbx_strand_id   A
#
# COMPACT_ATOMS: atom_id res chain seq x y z
N ILE A 28 12.99 -21.53 5.91
CA ILE A 28 12.39 -22.64 6.63
C ILE A 28 11.25 -22.16 7.53
N LYS A 29 11.51 -21.17 8.37
CA LYS A 29 10.54 -20.75 9.39
C LYS A 29 10.40 -19.23 9.46
N ILE A 30 9.16 -18.75 9.38
CA ILE A 30 8.93 -17.31 9.49
C ILE A 30 8.88 -16.96 10.98
N PRO A 31 9.74 -16.06 11.41
CA PRO A 31 9.82 -15.69 12.82
C PRO A 31 8.63 -14.86 13.25
N THR A 32 8.32 -14.92 14.54
CA THR A 32 7.30 -14.09 15.14
C THR A 32 7.99 -13.32 16.26
N LEU A 33 7.23 -12.64 17.10
CA LEU A 33 7.85 -11.90 18.18
C LEU A 33 8.62 -12.80 19.16
N GLU A 34 8.28 -14.08 19.18
CA GLU A 34 9.03 -15.07 19.96
C GLU A 34 10.49 -15.09 19.55
N ASP A 35 10.74 -14.75 18.29
CA ASP A 35 12.08 -14.81 17.71
C ASP A 35 12.64 -13.41 17.50
N ILE A 36 12.20 -12.45 18.31
CA ILE A 36 12.61 -11.07 18.12
C ILE A 36 14.14 -10.93 18.16
N ASP A 37 14.80 -11.68 19.05
CA ASP A 37 16.24 -11.56 19.20
C ASP A 37 16.96 -11.95 17.90
N ASN A 38 16.56 -13.06 17.31
CA ASN A 38 17.18 -13.51 16.06
C ASN A 38 16.90 -12.56 14.90
N LEU A 39 15.73 -11.94 14.89
CA LEU A 39 15.42 -10.93 13.88
C LEU A 39 16.30 -9.73 13.93
N ILE A 40 16.39 -9.15 15.11
CA ILE A 40 17.23 -8.00 15.32
C ILE A 40 18.65 -8.36 14.93
N ASP A 41 19.07 -9.55 15.32
CA ASP A 41 20.42 -10.00 15.03
C ASP A 41 20.70 -10.05 13.52
N SER A 42 19.74 -10.58 12.77
CA SER A 42 19.93 -10.79 11.34
C SER A 42 19.76 -9.51 10.53
N ALA A 43 19.15 -8.50 11.14
CA ALA A 43 18.75 -7.28 10.45
C ALA A 43 19.90 -6.35 10.12
N GLU A 44 19.69 -5.56 9.07
CA GLU A 44 20.58 -4.48 8.67
C GLU A 44 20.42 -3.29 9.62
N GLU A 45 21.51 -2.57 9.90
CA GLU A 45 21.43 -1.39 10.76
C GLU A 45 20.75 -0.26 9.98
N VAL A 46 19.86 0.47 10.66
CA VAL A 46 19.30 1.71 10.12
C VAL A 46 20.43 2.68 9.83
N LYS A 47 20.39 3.33 8.67
CA LYS A 47 21.47 4.23 8.25
C LYS A 47 21.12 5.69 8.47
N SER A 48 22.14 6.52 8.58
CA SER A 48 21.95 7.96 8.61
C SER A 48 21.50 8.43 7.23
N GLU A 49 20.90 9.61 7.19
CA GLU A 49 20.52 10.22 5.92
C GLU A 49 21.77 10.37 5.04
N GLU A 50 22.87 10.74 5.67
N GLU A 50 22.88 10.77 5.65
CA GLU A 50 24.12 10.93 4.95
CA GLU A 50 24.12 10.91 4.88
C GLU A 50 24.60 9.64 4.28
C GLU A 50 24.48 9.59 4.20
N ASP A 51 24.38 8.50 4.94
CA ASP A 51 24.76 7.20 4.39
C ASP A 51 23.76 6.68 3.34
N ILE A 52 22.48 6.97 3.51
CA ILE A 52 21.53 6.66 2.45
C ILE A 52 21.95 7.41 1.18
N ASN A 53 22.32 8.68 1.32
CA ASN A 53 22.68 9.50 0.16
C ASN A 53 23.93 9.02 -0.57
N LYS A 54 24.73 8.19 0.11
CA LYS A 54 25.92 7.58 -0.50
C LYS A 54 25.60 6.35 -1.34
N MET A 55 24.41 5.76 -1.12
CA MET A 55 24.00 4.60 -1.89
C MET A 55 23.69 5.00 -3.33
N PRO A 56 23.78 4.06 -4.28
CA PRO A 56 23.49 4.41 -5.68
C PRO A 56 22.04 4.85 -5.84
N PRO A 57 21.81 6.00 -6.49
CA PRO A 57 20.42 6.40 -6.63
C PRO A 57 19.63 5.52 -7.59
N LEU A 58 18.39 5.23 -7.23
CA LEU A 58 17.50 4.52 -8.13
C LEU A 58 17.20 5.43 -9.31
N LYS A 59 17.25 4.89 -10.52
CA LYS A 59 17.03 5.67 -11.73
C LYS A 59 15.64 5.48 -12.30
N PHE A 60 14.94 6.59 -12.47
CA PHE A 60 13.61 6.53 -13.06
C PHE A 60 13.82 6.13 -14.53
N PRO A 61 13.04 5.16 -15.03
CA PRO A 61 13.46 4.49 -16.27
C PRO A 61 13.07 5.14 -17.60
N VAL A 62 12.11 6.05 -17.61
CA VAL A 62 11.59 6.56 -18.87
C VAL A 62 11.34 8.05 -18.79
N GLU A 63 11.35 8.67 -19.96
CA GLU A 63 10.87 10.04 -20.11
C GLU A 63 9.38 9.98 -20.45
N PHE A 64 8.68 11.05 -20.11
CA PHE A 64 7.27 11.13 -20.45
C PHE A 64 7.13 11.08 -21.98
N PRO A 65 6.09 10.40 -22.48
CA PRO A 65 5.95 10.30 -23.94
C PRO A 65 6.02 11.63 -24.68
N GLU A 66 6.82 11.63 -25.74
CA GLU A 66 6.92 12.74 -26.70
C GLU A 66 7.64 13.99 -26.18
N VAL A 67 8.19 13.95 -24.97
N VAL A 67 8.20 13.94 -24.98
CA VAL A 67 8.85 15.13 -24.42
CA VAL A 67 8.86 15.11 -24.41
C VAL A 67 10.00 15.59 -25.31
C VAL A 67 10.05 15.57 -25.26
N ASN A 68 10.63 14.64 -26.01
CA ASN A 68 11.76 14.93 -26.89
C ASN A 68 11.38 14.95 -28.36
N THR A 69 10.09 15.04 -28.64
CA THR A 69 9.62 15.25 -30.02
C THR A 69 8.75 16.49 -30.19
N ARG A 70 8.16 16.99 -29.13
CA ARG A 70 7.21 18.08 -29.23
C ARG A 70 7.05 18.72 -27.86
N SER A 71 6.34 19.84 -27.83
CA SER A 71 6.01 20.51 -26.59
C SER A 71 4.85 19.81 -25.90
N ILE A 72 4.98 19.60 -24.60
CA ILE A 72 3.85 19.15 -23.80
C ILE A 72 3.04 20.40 -23.46
N ILE A 73 1.75 20.37 -23.76
CA ILE A 73 0.91 21.55 -23.61
C ILE A 73 -0.30 21.35 -22.73
N GLY A 74 -0.58 20.10 -22.34
CA GLY A 74 -1.81 19.78 -21.64
C GLY A 74 -1.62 19.31 -20.21
N GLY A 75 -0.47 19.63 -19.62
CA GLY A 75 -0.16 19.17 -18.28
C GLY A 75 -1.04 19.71 -17.17
N ASN A 76 -0.79 19.22 -15.97
CA ASN A 76 -1.61 19.53 -14.81
C ASN A 76 -0.77 19.98 -13.63
N ASN A 77 -1.43 20.59 -12.65
N ASN A 77 -1.46 20.58 -12.67
CA ASN A 77 -0.77 21.04 -11.42
CA ASN A 77 -0.83 21.05 -11.43
C ASN A 77 -1.30 20.33 -10.17
C ASN A 77 -1.49 20.41 -10.23
N TYR A 78 -1.84 19.13 -10.37
CA TYR A 78 -2.46 18.39 -9.28
C TYR A 78 -1.38 17.91 -8.32
N PRO A 79 -1.68 17.98 -7.00
CA PRO A 79 -0.71 17.46 -6.03
C PRO A 79 -0.73 15.95 -5.92
N ILE A 80 0.31 15.43 -5.28
CA ILE A 80 0.44 14.01 -4.96
C ILE A 80 -0.02 13.79 -3.52
N VAL A 81 -0.75 12.70 -3.30
CA VAL A 81 -1.05 12.21 -1.96
C VAL A 81 -0.49 10.79 -1.86
N LEU A 82 0.39 10.60 -0.88
CA LEU A 82 1.08 9.34 -0.62
C LEU A 82 0.31 8.51 0.39
N VAL A 83 0.16 7.21 0.12
CA VAL A 83 -0.63 6.31 0.94
C VAL A 83 0.14 5.00 1.22
N HIS A 84 0.51 4.85 2.49
CA HIS A 84 1.28 3.70 2.95
C HIS A 84 0.49 2.39 2.91
N GLY A 85 1.22 1.30 3.06
CA GLY A 85 0.65 -0.03 3.09
C GLY A 85 0.36 -0.61 4.45
N PHE A 86 0.50 -1.92 4.52
CA PHE A 86 0.26 -2.71 5.73
C PHE A 86 1.33 -2.38 6.76
N MET A 87 0.91 -2.10 7.99
CA MET A 87 1.84 -1.76 9.06
C MET A 87 2.73 -0.56 8.75
N GLY A 88 2.15 0.40 8.02
CA GLY A 88 2.75 1.73 7.87
C GLY A 88 2.10 2.72 8.83
N PHE A 89 2.86 3.74 9.23
CA PHE A 89 2.44 4.70 10.24
C PHE A 89 2.60 6.14 9.75
N GLY A 90 2.15 7.09 10.57
CA GLY A 90 2.10 8.49 10.18
C GLY A 90 3.36 9.25 10.43
N ARG A 91 3.37 10.47 9.93
CA ARG A 91 4.53 11.36 10.05
C ARG A 91 4.87 11.70 11.49
N ASP A 92 3.86 11.65 12.38
CA ASP A 92 4.03 11.93 13.79
C ASP A 92 4.32 10.67 14.61
N GLU A 93 4.57 9.55 13.95
CA GLU A 93 4.83 8.29 14.63
C GLU A 93 6.25 7.80 14.36
N LEU A 94 6.69 6.84 15.18
CA LEU A 94 8.00 6.19 15.03
C LEU A 94 9.17 7.16 15.20
N LEU A 95 8.96 8.19 16.03
CA LEU A 95 10.02 9.13 16.38
C LEU A 95 10.66 9.72 15.13
N GLY A 96 9.85 9.99 14.13
CA GLY A 96 10.32 10.71 12.95
C GLY A 96 10.77 9.84 11.80
N TYR A 97 10.89 8.53 11.99
CA TYR A 97 11.23 7.67 10.87
C TYR A 97 10.03 7.61 9.94
N LYS A 98 10.23 7.98 8.67
CA LYS A 98 9.12 8.12 7.73
C LYS A 98 8.85 6.84 6.92
N TYR A 99 7.58 6.52 6.73
CA TYR A 99 7.22 5.44 5.82
C TYR A 99 7.80 5.78 4.44
N TRP A 100 7.59 7.02 4.02
CA TRP A 100 8.01 7.47 2.71
C TRP A 100 9.40 8.11 2.80
N GLY A 101 10.40 7.24 2.73
CA GLY A 101 11.80 7.63 2.62
C GLY A 101 12.67 7.25 3.81
N GLY A 102 12.04 6.89 4.93
CA GLY A 102 12.81 6.51 6.09
C GLY A 102 13.47 7.70 6.78
N VAL A 103 14.81 7.74 6.71
CA VAL A 103 15.56 8.88 7.21
C VAL A 103 15.64 10.01 6.20
N VAL A 104 15.14 9.77 4.99
CA VAL A 104 14.97 10.84 4.00
C VAL A 104 13.49 11.17 3.91
N ASP A 105 13.13 12.44 4.09
CA ASP A 105 11.73 12.83 4.10
C ASP A 105 11.28 13.13 2.67
N LEU A 106 10.77 12.12 1.97
CA LEU A 106 10.43 12.27 0.55
C LEU A 106 9.39 13.36 0.33
N GLN A 107 8.41 13.46 1.21
CA GLN A 107 7.41 14.53 1.09
C GLN A 107 8.10 15.90 1.04
N GLU A 108 9.03 16.13 1.96
N GLU A 108 9.04 16.13 1.95
CA GLU A 108 9.73 17.41 2.03
CA GLU A 108 9.73 17.40 2.02
C GLU A 108 10.57 17.65 0.77
C GLU A 108 10.55 17.65 0.75
N LYS A 109 11.24 16.61 0.29
CA LYS A 109 12.08 16.73 -0.91
C LYS A 109 11.24 17.05 -2.13
N LEU A 110 10.09 16.41 -2.23
CA LEU A 110 9.18 16.67 -3.34
C LEU A 110 8.67 18.10 -3.31
N ASN A 111 8.18 18.54 -2.16
CA ASN A 111 7.71 19.92 -2.05
C ASN A 111 8.82 20.92 -2.34
N ALA A 112 10.03 20.64 -1.86
CA ALA A 112 11.15 21.57 -2.06
C ALA A 112 11.53 21.73 -3.52
N SER A 113 11.25 20.70 -4.32
CA SER A 113 11.57 20.72 -5.75
C SER A 113 10.37 21.05 -6.62
N GLY A 114 9.31 21.59 -6.00
CA GLY A 114 8.19 22.12 -6.74
C GLY A 114 7.07 21.15 -7.05
N HIS A 115 7.04 20.02 -6.33
CA HIS A 115 6.01 19.00 -6.51
C HIS A 115 5.15 18.96 -5.25
N GLU A 116 4.01 19.65 -5.29
CA GLU A 116 3.10 19.71 -4.15
C GLU A 116 2.70 18.31 -3.74
N THR A 117 2.98 17.96 -2.49
CA THR A 117 2.83 16.59 -2.01
C THR A 117 2.37 16.56 -0.56
N TYR A 118 1.41 15.67 -0.30
CA TYR A 118 0.89 15.39 1.04
C TYR A 118 1.01 13.91 1.34
N THR A 119 0.91 13.60 2.62
CA THR A 119 0.96 12.22 3.10
C THR A 119 -0.33 11.93 3.86
N ALA A 120 -1.02 10.86 3.48
CA ALA A 120 -2.20 10.41 4.21
C ALA A 120 -1.85 9.20 5.06
N THR A 121 -2.52 9.10 6.20
CA THR A 121 -2.26 8.00 7.12
C THR A 121 -3.58 7.32 7.45
N VAL A 122 -3.62 6.00 7.31
CA VAL A 122 -4.81 5.20 7.51
C VAL A 122 -4.49 3.99 8.39
N GLY A 123 -5.49 3.14 8.69
CA GLY A 123 -5.27 2.05 9.61
C GLY A 123 -4.21 1.09 9.09
N PRO A 124 -3.20 0.76 9.90
CA PRO A 124 -2.12 -0.09 9.41
C PRO A 124 -2.54 -1.55 9.14
N VAL A 125 -3.58 -2.04 9.82
CA VAL A 125 -3.99 -3.43 9.67
C VAL A 125 -5.48 -3.61 9.41
N SER A 126 -6.15 -2.53 9.07
N SER A 126 -6.17 -2.53 9.09
CA SER A 126 -7.57 -2.56 8.75
CA SER A 126 -7.60 -2.62 8.80
C SER A 126 -7.83 -2.98 7.31
C SER A 126 -7.85 -2.96 7.32
N SER A 127 -9.10 -3.24 6.99
CA SER A 127 -9.47 -3.63 5.64
C SER A 127 -9.28 -2.47 4.66
N ASN A 128 -9.23 -2.79 3.37
CA ASN A 128 -9.16 -1.76 2.34
C ASN A 128 -10.39 -0.86 2.34
N TRP A 129 -11.57 -1.41 2.59
CA TRP A 129 -12.76 -0.57 2.73
C TRP A 129 -12.56 0.44 3.86
N ASP A 130 -12.16 -0.05 5.03
CA ASP A 130 -12.01 0.83 6.18
C ASP A 130 -10.95 1.88 5.89
N ARG A 131 -9.83 1.45 5.32
CA ARG A 131 -8.75 2.36 4.96
C ARG A 131 -9.16 3.40 3.93
N ALA A 132 -10.00 3.02 2.98
CA ALA A 132 -10.50 3.98 1.99
C ALA A 132 -11.39 5.05 2.64
N CYS A 133 -12.25 4.63 3.57
CA CYS A 133 -13.08 5.58 4.29
C CYS A 133 -12.22 6.51 5.12
N GLU A 134 -11.19 5.97 5.74
CA GLU A 134 -10.24 6.77 6.51
C GLU A 134 -9.49 7.74 5.60
N LEU A 135 -9.08 7.26 4.43
CA LEU A 135 -8.36 8.11 3.47
C LEU A 135 -9.22 9.29 3.00
N TYR A 136 -10.49 9.02 2.70
CA TYR A 136 -11.44 10.08 2.37
C TYR A 136 -11.46 11.17 3.44
N ALA A 137 -11.64 10.78 4.69
CA ALA A 137 -11.69 11.76 5.78
C ALA A 137 -10.36 12.44 6.00
N TYR A 138 -9.27 11.71 5.81
CA TYR A 138 -7.93 12.28 6.01
C TYR A 138 -7.69 13.42 5.03
N ILE A 139 -8.22 13.27 3.82
CA ILE A 139 -8.06 14.28 2.78
C ILE A 139 -9.02 15.46 2.94
N VAL A 140 -10.31 15.15 3.04
N VAL A 140 -10.32 15.17 3.03
CA VAL A 140 -11.38 16.14 3.08
CA VAL A 140 -11.34 16.24 3.07
C VAL A 140 -11.48 16.81 4.46
C VAL A 140 -11.59 16.80 4.48
N GLY A 141 -11.16 16.06 5.50
CA GLY A 141 -11.39 16.49 6.88
C GLY A 141 -12.70 15.92 7.38
N GLY A 142 -12.77 15.73 8.70
CA GLY A 142 -13.99 15.27 9.34
C GLY A 142 -13.82 13.92 9.97
N THR A 143 -14.95 13.35 10.38
CA THR A 143 -14.98 12.10 11.11
C THR A 143 -15.20 10.94 10.16
N VAL A 144 -14.36 9.93 10.30
CA VAL A 144 -14.46 8.75 9.45
C VAL A 144 -15.85 8.13 9.59
N ASP A 145 -16.43 7.77 8.45
CA ASP A 145 -17.76 7.15 8.37
C ASP A 145 -17.64 5.91 7.50
N TYR A 146 -17.75 4.74 8.11
CA TYR A 146 -17.53 3.48 7.42
C TYR A 146 -18.77 2.98 6.68
N GLY A 147 -19.89 3.69 6.84
CA GLY A 147 -21.15 3.30 6.24
C GLY A 147 -22.01 2.52 7.22
N GLU A 148 -23.27 2.91 7.36
N GLU A 148 -23.26 2.92 7.37
CA GLU A 148 -24.17 2.19 8.27
CA GLU A 148 -24.16 2.15 8.25
C GLU A 148 -24.37 0.72 7.86
C GLU A 148 -24.22 0.69 7.86
N ALA A 149 -24.41 0.43 6.57
CA ALA A 149 -24.64 -0.94 6.12
C ALA A 149 -23.41 -1.79 6.40
N HIS A 150 -22.26 -1.28 6.01
CA HIS A 150 -21.00 -1.99 6.23
C HIS A 150 -20.77 -2.22 7.71
N ALA A 151 -20.95 -1.19 8.52
CA ALA A 151 -20.67 -1.31 9.94
C ALA A 151 -21.61 -2.33 10.59
N LYS A 152 -22.86 -2.37 10.13
CA LYS A 152 -23.79 -3.34 10.65
C LYS A 152 -23.40 -4.75 10.23
N LYS A 153 -23.05 -4.93 8.96
CA LYS A 153 -22.67 -6.24 8.45
C LYS A 153 -21.47 -6.83 9.17
N PHE A 154 -20.45 -6.00 9.39
CA PHE A 154 -19.20 -6.46 9.97
C PHE A 154 -19.12 -6.27 11.49
N LYS A 155 -20.18 -5.71 12.07
CA LYS A 155 -20.30 -5.57 13.52
C LYS A 155 -19.20 -4.71 14.12
N HIS A 156 -19.01 -3.53 13.55
CA HIS A 156 -18.12 -2.54 14.12
C HIS A 156 -18.75 -1.15 14.07
N ASN A 157 -18.07 -0.16 14.61
CA ASN A 157 -18.64 1.17 14.72
C ASN A 157 -18.77 1.80 13.35
N ARG A 158 -19.84 2.57 13.14
CA ARG A 158 -19.98 3.36 11.92
C ARG A 158 -19.00 4.52 11.87
N TYR A 159 -18.76 5.17 13.01
CA TYR A 159 -17.89 6.35 13.04
C TYR A 159 -16.57 6.03 13.69
N GLY A 160 -15.52 6.62 13.13
CA GLY A 160 -14.18 6.41 13.60
C GLY A 160 -13.58 7.68 14.14
N ARG A 161 -12.29 7.88 13.88
CA ARG A 161 -11.61 9.05 14.40
C ARG A 161 -11.84 10.26 13.51
N THR A 162 -11.34 11.40 13.96
CA THR A 162 -11.58 12.67 13.30
C THR A 162 -10.25 13.29 12.85
N TYR A 163 -10.25 13.81 11.63
CA TYR A 163 -9.05 14.38 11.01
C TYR A 163 -9.29 15.80 10.54
N PRO A 164 -8.22 16.61 10.51
CA PRO A 164 -8.39 18.00 10.06
C PRO A 164 -8.58 18.16 8.53
N GLY A 165 -8.00 17.26 7.75
CA GLY A 165 -8.07 17.37 6.30
C GLY A 165 -6.79 17.96 5.75
N ILE A 166 -6.11 17.24 4.85
CA ILE A 166 -4.85 17.74 4.28
CA ILE A 166 -4.85 17.74 4.28
C ILE A 166 -5.02 18.36 2.90
N TYR A 167 -6.15 18.13 2.24
CA TYR A 167 -6.39 18.78 0.94
C TYR A 167 -7.88 19.04 0.82
N LYS A 168 -8.35 19.97 1.64
CA LYS A 168 -9.77 20.14 1.88
C LYS A 168 -10.55 20.62 0.66
N ASN A 169 -9.85 21.22 -0.29
N ASN A 169 -9.88 21.24 -0.29
CA ASN A 169 -10.47 21.81 -1.48
CA ASN A 169 -10.56 21.78 -1.47
C ASN A 169 -10.57 20.84 -2.66
C ASN A 169 -10.45 20.86 -2.69
N ILE A 170 -10.23 19.58 -2.43
CA ILE A 170 -10.30 18.56 -3.48
C ILE A 170 -11.66 18.57 -4.16
N SER A 171 -11.67 18.43 -5.48
CA SER A 171 -12.91 18.53 -6.25
C SER A 171 -12.67 17.99 -7.64
N ASN A 172 -13.72 17.99 -8.47
CA ASN A 172 -13.56 17.57 -9.85
C ASN A 172 -12.57 18.46 -10.59
N GLU A 173 -12.45 19.72 -10.19
N GLU A 173 -12.45 19.71 -10.16
CA GLU A 173 -11.44 20.61 -10.77
CA GLU A 173 -11.49 20.66 -10.73
C GLU A 173 -10.10 20.39 -10.07
C GLU A 173 -10.12 20.54 -10.07
N ASN A 174 -10.11 20.41 -8.74
CA ASN A 174 -8.87 20.27 -7.97
C ASN A 174 -8.56 18.80 -7.70
N LYS A 175 -8.07 18.12 -8.72
CA LYS A 175 -7.81 16.69 -8.66
C LYS A 175 -6.48 16.41 -7.97
N ILE A 176 -6.25 15.13 -7.66
CA ILE A 176 -4.98 14.70 -7.11
C ILE A 176 -4.44 13.47 -7.83
N HIS A 177 -3.16 13.21 -7.63
CA HIS A 177 -2.49 11.98 -8.03
C HIS A 177 -2.34 11.16 -6.75
N LEU A 178 -2.87 9.93 -6.73
CA LEU A 178 -2.68 9.05 -5.59
C LEU A 178 -1.54 8.08 -5.86
N ILE A 179 -0.63 7.96 -4.91
CA ILE A 179 0.45 6.98 -4.98
C ILE A 179 0.39 6.11 -3.75
N GLY A 180 0.28 4.80 -3.97
CA GLY A 180 0.12 3.86 -2.88
C GLY A 180 1.11 2.73 -2.94
N HIS A 181 1.81 2.50 -1.83
CA HIS A 181 2.79 1.42 -1.74
C HIS A 181 2.16 0.24 -1.04
N SER A 182 2.50 -0.97 -1.46
N SER A 182 2.44 -0.95 -1.57
CA SER A 182 2.04 -2.16 -0.75
CA SER A 182 1.97 -2.19 -0.97
C SER A 182 0.51 -2.11 -0.80
C SER A 182 0.44 -2.13 -0.85
N MET A 183 -0.12 -2.46 0.32
CA MET A 183 -1.56 -2.39 0.45
C MET A 183 -2.16 -1.01 0.12
N GLY A 184 -1.35 0.04 0.22
CA GLY A 184 -1.77 1.37 -0.16
C GLY A 184 -2.31 1.43 -1.59
N GLY A 185 -1.77 0.60 -2.47
CA GLY A 185 -2.26 0.55 -3.84
C GLY A 185 -3.68 -0.02 -3.96
N GLN A 186 -4.00 -1.05 -3.17
CA GLN A 186 -5.38 -1.53 -3.12
C GLN A 186 -6.29 -0.48 -2.53
N THR A 187 -5.82 0.19 -1.48
CA THR A 187 -6.64 1.21 -0.81
C THR A 187 -6.98 2.37 -1.74
N ILE A 188 -6.02 2.84 -2.53
CA ILE A 188 -6.29 3.98 -3.43
C ILE A 188 -7.16 3.57 -4.62
N ARG A 189 -7.04 2.32 -5.07
CA ARG A 189 -7.97 1.81 -6.09
C ARG A 189 -9.38 1.85 -5.55
N THR A 190 -9.53 1.43 -4.31
CA THR A 190 -10.83 1.30 -3.63
C THR A 190 -11.45 2.69 -3.43
N LEU A 191 -10.67 3.65 -2.96
CA LEU A 191 -11.18 5.01 -2.82
C LEU A 191 -11.64 5.55 -4.18
N THR A 192 -10.87 5.32 -5.22
CA THR A 192 -11.22 5.84 -6.54
C THR A 192 -12.53 5.22 -7.04
N GLN A 193 -12.73 3.93 -6.76
CA GLN A 193 -13.95 3.23 -7.12
C GLN A 193 -15.16 3.83 -6.40
N LEU A 194 -15.04 4.01 -5.09
CA LEU A 194 -16.12 4.57 -4.29
C LEU A 194 -16.42 6.02 -4.69
N LEU A 195 -15.40 6.84 -4.84
CA LEU A 195 -15.64 8.22 -5.26
C LEU A 195 -16.44 8.26 -6.56
N SER A 196 -16.03 7.43 -7.51
CA SER A 196 -16.61 7.47 -8.84
C SER A 196 -18.02 6.88 -8.88
N GLU A 197 -18.20 5.73 -8.24
CA GLU A 197 -19.43 4.97 -8.39
C GLU A 197 -20.25 4.77 -7.11
N GLY A 198 -19.70 5.12 -5.96
CA GLY A 198 -20.40 4.91 -4.72
C GLY A 198 -20.56 3.46 -4.29
N SER A 199 -21.46 3.22 -3.34
CA SER A 199 -21.78 1.89 -2.83
C SER A 199 -23.28 1.69 -2.83
N GLU A 200 -23.74 0.71 -3.61
N GLU A 200 -23.76 0.72 -3.62
CA GLU A 200 -25.16 0.40 -3.70
CA GLU A 200 -25.19 0.44 -3.68
C GLU A 200 -25.73 0.01 -2.34
C GLU A 200 -25.73 0.03 -2.31
N GLU A 201 -24.96 -0.76 -1.59
CA GLU A 201 -25.41 -1.22 -0.26
C GLU A 201 -25.65 -0.02 0.65
N GLU A 202 -24.73 0.94 0.65
CA GLU A 202 -24.90 2.11 1.49
C GLU A 202 -26.05 3.00 1.00
N ILE A 203 -26.11 3.23 -0.31
CA ILE A 203 -27.14 4.08 -0.87
C ILE A 203 -28.53 3.54 -0.55
N ASN A 204 -28.70 2.22 -0.62
CA ASN A 204 -30.01 1.60 -0.50
C ASN A 204 -30.46 1.30 0.92
N CYS A 205 -29.56 1.50 1.88
N CYS A 205 -29.60 1.44 1.92
CA CYS A 205 -29.79 1.13 3.28
CA CYS A 205 -30.01 1.02 3.26
C CYS A 205 -30.72 2.10 4.02
C CYS A 205 -30.81 2.08 4.01
N GLY A 206 -30.89 3.30 3.47
CA GLY A 206 -31.75 4.31 4.06
C GLY A 206 -31.21 4.89 5.36
N GLN A 207 -29.89 5.01 5.47
CA GLN A 207 -29.25 5.59 6.64
C GLN A 207 -29.40 7.10 6.67
N GLU A 208 -29.26 7.68 7.87
CA GLU A 208 -29.22 9.12 8.00
C GLU A 208 -27.82 9.63 7.66
N ASN A 209 -27.80 10.72 6.91
CA ASN A 209 -26.57 11.46 6.61
C ASN A 209 -25.47 10.58 6.06
N ILE A 210 -25.80 9.86 4.98
CA ILE A 210 -24.83 9.02 4.30
C ILE A 210 -23.56 9.82 4.01
N SER A 211 -22.41 9.19 4.14
CA SER A 211 -21.17 9.84 3.73
C SER A 211 -21.23 10.16 2.24
N PRO A 212 -20.80 11.37 1.84
CA PRO A 212 -20.74 11.67 0.41
C PRO A 212 -19.91 10.65 -0.37
N LEU A 213 -18.92 10.04 0.28
CA LEU A 213 -18.09 9.03 -0.35
C LEU A 213 -18.93 7.97 -1.07
N PHE A 214 -20.03 7.57 -0.45
CA PHE A 214 -20.79 6.44 -0.95
C PHE A 214 -21.81 6.80 -2.03
N GLU A 215 -21.95 8.07 -2.37
CA GLU A 215 -23.00 8.48 -3.30
C GLU A 215 -22.58 8.39 -4.77
N GLY A 216 -21.28 8.34 -5.03
CA GLY A 216 -20.76 8.33 -6.38
C GLY A 216 -20.73 9.70 -7.04
N GLY A 217 -20.23 9.74 -8.27
CA GLY A 217 -20.25 10.93 -9.10
C GLY A 217 -19.11 11.88 -8.89
N LYS A 218 -18.06 11.46 -8.18
CA LYS A 218 -16.92 12.32 -7.89
C LYS A 218 -15.72 11.86 -8.71
N HIS A 219 -15.11 12.81 -9.42
CA HIS A 219 -13.99 12.56 -10.32
C HIS A 219 -12.80 13.39 -9.87
N TRP A 220 -12.32 13.05 -8.68
CA TRP A 220 -11.31 13.81 -7.96
C TRP A 220 -9.90 13.30 -8.20
N ILE A 221 -9.78 12.14 -8.84
CA ILE A 221 -8.51 11.42 -8.94
C ILE A 221 -8.04 11.40 -10.39
N HIS A 222 -6.90 12.01 -10.66
CA HIS A 222 -6.37 12.02 -12.02
C HIS A 222 -5.57 10.76 -12.34
N SER A 223 -4.81 10.27 -11.37
CA SER A 223 -4.06 9.06 -11.53
C SER A 223 -3.97 8.27 -10.24
N VAL A 224 -3.79 6.97 -10.43
CA VAL A 224 -3.56 6.00 -9.38
C VAL A 224 -2.29 5.24 -9.73
N SER A 225 -1.30 5.30 -8.84
CA SER A 225 -0.04 4.60 -9.04
C SER A 225 0.15 3.61 -7.89
N THR A 226 0.30 2.33 -8.23
CA THR A 226 0.58 1.29 -7.24
C THR A 226 2.05 0.90 -7.34
N ILE A 227 2.68 0.72 -6.19
CA ILE A 227 4.10 0.38 -6.09
C ILE A 227 4.20 -0.81 -5.14
N SER A 228 4.68 -1.94 -5.65
CA SER A 228 4.82 -3.16 -4.85
C SER A 228 3.49 -3.64 -4.28
N THR A 229 2.42 -3.41 -5.01
CA THR A 229 1.08 -3.64 -4.48
C THR A 229 0.59 -5.06 -4.77
N PRO A 230 -0.01 -5.72 -3.75
CA PRO A 230 -0.65 -7.03 -3.97
C PRO A 230 -2.00 -6.86 -4.68
N ASN A 231 -1.97 -6.47 -5.94
CA ASN A 231 -3.21 -6.27 -6.67
C ASN A 231 -4.01 -7.56 -6.85
N ASP A 232 -3.30 -8.69 -6.84
CA ASP A 232 -3.91 -10.02 -6.78
C ASP A 232 -3.60 -10.74 -5.46
N GLY A 233 -3.30 -9.98 -4.41
CA GLY A 233 -2.96 -10.57 -3.11
C GLY A 233 -1.51 -10.98 -3.04
N THR A 234 -1.13 -11.50 -1.89
CA THR A 234 0.16 -12.09 -1.70
C THR A 234 0.00 -13.43 -1.02
N THR A 235 0.72 -14.43 -1.53
CA THR A 235 0.66 -15.76 -0.93
C THR A 235 1.34 -15.81 0.43
N LEU A 236 2.03 -14.74 0.83
CA LEU A 236 2.53 -14.65 2.19
C LEU A 236 1.37 -14.68 3.18
N SER A 237 0.27 -14.00 2.86
CA SER A 237 -0.90 -14.11 3.71
C SER A 237 -1.50 -15.51 3.61
N ASP A 238 -1.66 -16.03 2.39
CA ASP A 238 -2.27 -17.35 2.21
C ASP A 238 -1.58 -18.42 3.08
N LEU A 239 -0.25 -18.39 3.11
CA LEU A 239 0.52 -19.48 3.68
C LEU A 239 0.68 -19.40 5.22
N MET A 240 0.42 -18.22 5.79
CA MET A 240 0.61 -17.96 7.23
C MET A 240 -0.70 -17.88 8.00
N PRO A 241 -0.73 -18.37 9.25
CA PRO A 241 -1.82 -17.94 10.14
C PRO A 241 -1.78 -16.42 10.32
N ALA A 242 -2.95 -15.80 10.36
CA ALA A 242 -3.03 -14.35 10.46
C ALA A 242 -2.24 -13.78 11.65
N LYS A 243 -2.41 -14.37 12.82
CA LYS A 243 -1.74 -13.86 14.01
C LYS A 243 -0.24 -13.89 13.84
N ASP A 244 0.26 -14.93 13.16
CA ASP A 244 1.69 -15.05 12.95
C ASP A 244 2.20 -14.00 11.97
N LEU A 245 1.42 -13.70 10.93
CA LEU A 245 1.79 -12.67 9.99
C LEU A 245 1.88 -11.33 10.70
N ILE A 246 0.88 -11.00 11.51
CA ILE A 246 0.94 -9.74 12.25
C ILE A 246 2.14 -9.72 13.21
N SER A 247 2.37 -10.82 13.92
CA SER A 247 3.47 -10.87 14.88
C SER A 247 4.82 -10.70 14.16
N TYR A 248 4.99 -11.39 13.04
CA TYR A 248 6.17 -11.20 12.21
C TYR A 248 6.37 -9.72 11.82
N THR A 249 5.29 -9.06 11.44
N THR A 249 5.31 -9.03 11.42
CA THR A 249 5.39 -7.69 10.99
CA THR A 249 5.47 -7.65 11.00
C THR A 249 5.75 -6.73 12.14
C THR A 249 5.85 -6.74 12.16
N PHE A 250 5.37 -7.05 13.38
CA PHE A 250 5.84 -6.31 14.55
C PHE A 250 7.34 -6.51 14.71
N GLY A 251 7.81 -7.72 14.45
CA GLY A 251 9.24 -7.99 14.42
C GLY A 251 9.96 -7.11 13.42
N VAL A 252 9.44 -7.03 12.19
CA VAL A 252 10.04 -6.18 11.17
C VAL A 252 10.05 -4.73 11.66
N LEU A 253 8.94 -4.27 12.23
CA LEU A 253 8.89 -2.92 12.77
C LEU A 253 10.01 -2.70 13.80
N GLY A 254 10.24 -3.71 14.64
CA GLY A 254 11.29 -3.65 15.64
C GLY A 254 12.69 -3.50 15.06
N THR A 255 12.93 -4.02 13.86
CA THR A 255 14.25 -3.87 13.24
C THR A 255 14.50 -2.41 12.89
N ILE A 256 13.43 -1.64 12.81
CA ILE A 256 13.51 -0.20 12.53
C ILE A 256 13.51 0.61 13.82
N THR A 257 12.60 0.30 14.74
CA THR A 257 12.49 1.10 15.96
C THR A 257 13.60 0.78 16.95
N GLY A 258 14.13 -0.44 16.87
CA GLY A 258 14.93 -1.01 17.94
C GLY A 258 14.02 -1.89 18.79
N LYS A 259 14.56 -2.96 19.39
CA LYS A 259 13.70 -3.97 20.01
C LYS A 259 12.98 -3.47 21.26
N ASN A 260 13.57 -2.50 21.94
CA ASN A 260 12.98 -1.96 23.15
C ASN A 260 11.96 -0.87 22.82
N LYS A 261 12.33 0.01 21.89
CA LYS A 261 11.43 1.06 21.49
C LYS A 261 10.19 0.51 20.79
N LEU A 262 10.26 -0.75 20.34
CA LEU A 262 9.10 -1.43 19.76
C LEU A 262 7.93 -1.45 20.75
N PHE A 263 8.26 -1.51 22.04
CA PHE A 263 7.24 -1.53 23.06
C PHE A 263 7.12 -0.20 23.80
N SER A 264 7.39 0.89 23.07
CA SER A 264 7.13 2.23 23.58
C SER A 264 5.98 2.83 22.79
N SER A 265 5.37 3.87 23.35
CA SER A 265 4.16 4.46 22.78
C SER A 265 4.50 5.41 21.65
N ILE A 266 4.93 4.85 20.52
CA ILE A 266 5.34 5.66 19.38
C ILE A 266 4.60 5.21 18.10
N TYR A 267 3.56 4.39 18.25
CA TYR A 267 2.69 4.04 17.15
C TYR A 267 1.34 3.56 17.66
N ASP A 268 0.32 3.69 16.82
CA ASP A 268 -1.07 3.44 17.16
C ASP A 268 -1.61 2.55 16.05
N LEU A 269 -2.23 1.43 16.41
CA LEU A 269 -2.79 0.50 15.42
C LEU A 269 -4.15 0.94 14.88
N LYS A 270 -4.75 1.95 15.49
CA LYS A 270 -5.93 2.64 14.94
C LYS A 270 -7.11 1.70 14.71
N LEU A 271 -7.32 0.77 15.64
CA LEU A 271 -8.44 -0.17 15.58
C LEU A 271 -9.63 0.30 16.42
N ASP A 272 -9.81 1.61 16.49
CA ASP A 272 -10.89 2.26 17.23
C ASP A 272 -12.25 1.64 16.90
N GLN A 273 -12.48 1.33 15.63
CA GLN A 273 -13.80 0.92 15.18
C GLN A 273 -14.20 -0.44 15.73
N TRP A 274 -13.18 -1.23 16.09
CA TRP A 274 -13.35 -2.56 16.65
C TRP A 274 -13.35 -2.56 18.17
N GLY A 275 -13.32 -1.39 18.81
CA GLY A 275 -13.26 -1.34 20.26
C GLY A 275 -11.89 -1.75 20.78
N LEU A 276 -10.85 -1.55 19.95
CA LEU A 276 -9.50 -1.93 20.31
C LEU A 276 -8.55 -0.74 20.45
N LYS A 277 -9.05 0.39 20.97
CA LYS A 277 -8.14 1.46 21.39
C LYS A 277 -7.31 1.02 22.58
N LYS A 278 -6.11 1.56 22.71
CA LYS A 278 -5.32 1.37 23.92
C LYS A 278 -6.10 1.89 25.14
N GLN A 279 -6.19 1.07 26.18
CA GLN A 279 -7.00 1.42 27.36
C GLN A 279 -6.29 2.42 28.26
N ASN A 280 -7.06 3.15 29.06
CA ASN A 280 -6.48 4.07 30.02
C ASN A 280 -5.53 3.34 30.97
N GLY A 281 -4.29 3.83 31.05
CA GLY A 281 -3.28 3.26 31.91
C GLY A 281 -2.60 2.00 31.39
N GLU A 282 -2.91 1.61 30.16
CA GLU A 282 -2.36 0.40 29.58
C GLU A 282 -1.02 0.70 28.93
N SER A 283 -0.05 -0.18 29.15
CA SER A 283 1.25 -0.03 28.50
C SER A 283 1.18 -0.42 27.04
N GLN A 284 2.14 0.05 26.25
CA GLN A 284 2.21 -0.35 24.85
C GLN A 284 2.33 -1.87 24.73
N ARG A 285 3.14 -2.49 25.57
N ARG A 285 3.15 -2.48 25.57
CA ARG A 285 3.31 -3.94 25.48
CA ARG A 285 3.33 -3.93 25.58
C ARG A 285 2.00 -4.68 25.74
C ARG A 285 1.99 -4.65 25.74
N ASP A 286 1.23 -4.24 26.75
CA ASP A 286 -0.01 -4.92 27.07
C ASP A 286 -1.04 -4.71 25.94
N TYR A 287 -1.02 -3.52 25.35
CA TYR A 287 -1.90 -3.18 24.24
C TYR A 287 -1.62 -4.05 23.03
N ILE A 288 -0.33 -4.19 22.68
CA ILE A 288 0.05 -5.05 21.57
C ILE A 288 -0.34 -6.52 21.79
N GLU A 289 -0.09 -7.03 22.99
CA GLU A 289 -0.44 -8.40 23.29
C GLU A 289 -1.96 -8.60 23.17
N ARG A 290 -2.71 -7.62 23.67
CA ARG A 290 -4.16 -7.71 23.64
C ARG A 290 -4.68 -7.70 22.19
N VAL A 291 -4.12 -6.83 21.35
CA VAL A 291 -4.51 -6.82 19.94
C VAL A 291 -4.11 -8.13 19.24
N LEU A 292 -2.89 -8.61 19.49
CA LEU A 292 -2.49 -9.90 18.90
C LEU A 292 -3.38 -11.07 19.28
N ASP A 293 -3.89 -11.03 20.51
CA ASP A 293 -4.72 -12.12 21.02
C ASP A 293 -6.20 -11.95 20.68
N SER A 294 -6.54 -10.87 19.99
CA SER A 294 -7.93 -10.61 19.62
C SER A 294 -8.49 -11.68 18.69
N ASN A 295 -9.79 -11.92 18.82
CA ASN A 295 -10.49 -12.81 17.91
C ASN A 295 -10.58 -12.26 16.49
N ILE A 296 -10.26 -10.98 16.33
CA ILE A 296 -10.42 -10.34 15.03
C ILE A 296 -9.67 -11.07 13.90
N TRP A 297 -8.53 -11.66 14.23
CA TRP A 297 -7.65 -12.22 13.21
C TRP A 297 -8.17 -13.47 12.54
N ASN A 298 -9.15 -14.15 13.14
CA ASN A 298 -9.75 -15.31 12.49
C ASN A 298 -11.26 -15.28 12.47
N SER A 299 -11.87 -14.12 12.72
CA SER A 299 -13.33 -14.06 12.92
C SER A 299 -14.05 -13.04 12.04
N THR A 300 -13.31 -12.39 11.14
CA THR A 300 -13.91 -11.47 10.17
C THR A 300 -13.12 -11.43 8.87
N LYS A 301 -13.80 -11.19 7.76
N LYS A 301 -13.84 -11.19 7.77
CA LYS A 301 -13.06 -10.88 6.53
CA LYS A 301 -13.20 -10.85 6.51
C LYS A 301 -12.78 -9.38 6.42
C LYS A 301 -12.69 -9.41 6.50
N ASP A 302 -13.31 -8.57 7.33
CA ASP A 302 -13.08 -7.12 7.28
C ASP A 302 -11.79 -6.68 7.98
N ILE A 303 -10.66 -7.22 7.54
CA ILE A 303 -9.37 -6.99 8.19
C ILE A 303 -8.26 -7.15 7.14
N ALA A 304 -7.09 -6.54 7.37
CA ALA A 304 -6.08 -6.51 6.31
C ALA A 304 -5.59 -7.89 5.88
N THR A 305 -5.44 -8.81 6.82
CA THR A 305 -4.88 -10.12 6.51
C THR A 305 -5.75 -10.88 5.52
N TYR A 306 -7.07 -10.71 5.58
CA TYR A 306 -7.96 -11.29 4.58
C TYR A 306 -7.81 -10.57 3.24
N ASP A 307 -7.84 -9.25 3.28
CA ASP A 307 -7.79 -8.44 2.05
C ASP A 307 -6.47 -8.59 1.29
N LEU A 308 -5.41 -8.96 2.00
CA LEU A 308 -4.09 -9.24 1.43
C LEU A 308 -3.95 -10.62 0.82
N SER A 309 -4.81 -11.55 1.23
CA SER A 309 -4.75 -12.91 0.71
C SER A 309 -5.20 -12.92 -0.75
N THR A 310 -4.84 -13.96 -1.50
CA THR A 310 -5.24 -13.99 -2.90
C THR A 310 -6.76 -14.08 -3.04
N GLU A 311 -7.42 -14.88 -2.20
CA GLU A 311 -8.88 -14.91 -2.20
C GLU A 311 -9.49 -13.53 -1.95
N GLY A 312 -8.97 -12.82 -0.94
CA GLY A 312 -9.54 -11.54 -0.57
C GLY A 312 -9.27 -10.45 -1.59
N ALA A 313 -8.08 -10.49 -2.19
CA ALA A 313 -7.74 -9.53 -3.23
C ALA A 313 -8.61 -9.79 -4.47
N GLN A 314 -8.81 -11.06 -4.81
CA GLN A 314 -9.72 -11.40 -5.89
C GLN A 314 -11.10 -10.84 -5.63
N GLU A 315 -11.59 -11.01 -4.40
CA GLU A 315 -12.90 -10.46 -4.06
C GLU A 315 -12.97 -8.94 -4.26
N LEU A 316 -11.94 -8.22 -3.79
CA LEU A 316 -11.86 -6.77 -4.00
C LEU A 316 -11.92 -6.44 -5.49
N ASN A 317 -11.20 -7.24 -6.28
CA ASN A 317 -11.12 -6.99 -7.71
C ASN A 317 -12.45 -7.14 -8.42
N THR A 318 -13.37 -7.93 -7.85
CA THR A 318 -14.65 -8.12 -8.51
C THR A 318 -15.54 -6.87 -8.52
N TRP A 319 -15.15 -5.84 -7.74
CA TRP A 319 -15.93 -4.59 -7.75
C TRP A 319 -15.06 -3.33 -7.83
N VAL A 320 -13.77 -3.43 -7.53
CA VAL A 320 -12.91 -2.27 -7.59
C VAL A 320 -12.23 -2.25 -8.96
N LYS A 321 -12.78 -1.46 -9.88
CA LYS A 321 -12.35 -1.46 -11.28
C LYS A 321 -11.58 -0.19 -11.62
N ALA A 322 -10.78 -0.31 -12.67
CA ALA A 322 -10.11 0.86 -13.24
C ALA A 322 -11.15 1.73 -13.91
N GLN A 323 -11.26 2.97 -13.43
CA GLN A 323 -12.23 3.92 -13.96
C GLN A 323 -11.75 4.51 -15.28
N PRO A 324 -12.69 4.80 -16.20
CA PRO A 324 -12.28 5.13 -17.58
C PRO A 324 -11.61 6.48 -17.74
N ASP A 325 -11.77 7.35 -16.74
CA ASP A 325 -11.22 8.71 -16.77
C ASP A 325 -10.02 8.90 -15.84
N VAL A 326 -9.41 7.80 -15.41
CA VAL A 326 -8.27 7.84 -14.51
C VAL A 326 -7.10 7.09 -15.15
N TYR A 327 -5.89 7.63 -15.01
CA TYR A 327 -4.68 6.92 -15.42
C TYR A 327 -4.23 5.97 -14.32
N TYR A 328 -3.87 4.75 -14.68
CA TYR A 328 -3.37 3.78 -13.71
C TYR A 328 -1.97 3.34 -14.09
N PHE A 329 -1.07 3.39 -13.12
CA PHE A 329 0.31 2.96 -13.27
C PHE A 329 0.61 1.93 -12.23
N SER A 330 1.35 0.90 -12.62
CA SER A 330 1.81 -0.10 -11.66
C SER A 330 3.31 -0.31 -11.78
N TRP A 331 3.94 -0.39 -10.61
CA TRP A 331 5.36 -0.65 -10.44
C TRP A 331 5.56 -1.93 -9.65
N THR A 332 6.40 -2.80 -10.18
CA THR A 332 6.70 -4.12 -9.64
C THR A 332 8.14 -4.14 -9.12
N THR A 333 8.32 -4.54 -7.87
CA THR A 333 9.63 -4.77 -7.29
C THR A 333 9.91 -6.27 -7.26
N GLN A 334 11.18 -6.61 -7.43
CA GLN A 334 11.64 -8.01 -7.37
C GLN A 334 13.00 -8.06 -6.70
N ALA A 335 13.20 -9.05 -5.82
CA ALA A 335 14.51 -9.25 -5.20
C ALA A 335 14.82 -10.74 -4.99
N THR A 336 14.17 -11.59 -5.77
CA THR A 336 14.48 -13.01 -5.82
C THR A 336 15.11 -13.42 -7.15
N LYS A 337 15.73 -14.60 -7.14
CA LYS A 337 16.24 -15.26 -8.34
C LYS A 337 15.76 -16.69 -8.31
N GLU A 338 15.76 -17.34 -9.47
CA GLU A 338 15.33 -18.72 -9.55
C GLU A 338 16.47 -19.66 -9.16
N SER A 339 16.18 -20.61 -8.28
CA SER A 339 17.10 -21.69 -7.98
C SER A 339 17.16 -22.65 -9.16
N ILE A 340 18.34 -22.84 -9.72
CA ILE A 340 18.47 -23.72 -10.89
C ILE A 340 18.34 -25.21 -10.51
N LEU A 341 18.33 -25.51 -9.22
CA LEU A 341 18.21 -26.88 -8.76
C LEU A 341 16.75 -27.32 -8.69
N THR A 342 15.89 -26.47 -8.13
CA THR A 342 14.50 -26.85 -7.89
C THR A 342 13.46 -26.01 -8.65
N GLY A 343 13.85 -24.89 -9.22
CA GLY A 343 12.89 -24.00 -9.84
C GLY A 343 12.23 -23.03 -8.86
N HIS A 344 12.48 -23.21 -7.57
CA HIS A 344 11.93 -22.29 -6.57
C HIS A 344 12.63 -20.94 -6.67
N SER A 345 11.93 -19.88 -6.24
CA SER A 345 12.55 -18.56 -6.12
C SER A 345 13.11 -18.39 -4.72
N VAL A 346 14.30 -17.81 -4.65
CA VAL A 346 15.01 -17.59 -3.39
C VAL A 346 15.55 -16.17 -3.33
N ALA A 347 15.76 -15.66 -2.12
CA ALA A 347 16.27 -14.31 -1.96
C ALA A 347 17.61 -14.10 -2.67
N GLN A 348 17.74 -12.96 -3.35
CA GLN A 348 19.04 -12.49 -3.82
C GLN A 348 19.81 -11.90 -2.64
N ILE A 349 20.98 -12.45 -2.38
N ILE A 349 20.99 -12.44 -2.39
CA ILE A 349 21.83 -11.94 -1.30
CA ILE A 349 21.84 -11.96 -1.33
C ILE A 349 22.48 -10.63 -1.71
C ILE A 349 22.46 -10.62 -1.74
N GLY A 350 22.19 -9.59 -0.96
CA GLY A 350 22.60 -8.24 -1.29
C GLY A 350 21.36 -7.38 -1.38
N PRO A 351 20.58 -7.54 -2.46
CA PRO A 351 19.36 -6.75 -2.61
C PRO A 351 18.28 -7.02 -1.56
N MET A 352 18.13 -8.26 -1.12
N MET A 352 18.12 -8.26 -1.12
CA MET A 352 17.05 -8.61 -0.19
CA MET A 352 17.06 -8.56 -0.20
C MET A 352 17.43 -8.41 1.26
C MET A 352 17.48 -8.35 1.26
N ASN A 353 16.64 -7.61 1.97
CA ASN A 353 16.81 -7.47 3.41
C ASN A 353 16.79 -8.86 4.05
N PRO A 354 17.79 -9.20 4.88
CA PRO A 354 17.78 -10.53 5.53
C PRO A 354 16.49 -10.86 6.29
N ILE A 355 15.77 -9.84 6.76
CA ILE A 355 14.50 -10.05 7.45
C ILE A 355 13.46 -10.71 6.54
N PHE A 356 13.65 -10.58 5.22
CA PHE A 356 12.71 -11.14 4.24
C PHE A 356 13.22 -12.46 3.66
N TYR A 357 14.35 -12.97 4.13
CA TYR A 357 14.78 -14.28 3.62
C TYR A 357 13.71 -15.37 3.81
N PRO A 358 13.15 -15.50 5.02
CA PRO A 358 12.20 -16.62 5.16
C PRO A 358 10.89 -16.38 4.41
N THR A 359 10.43 -15.14 4.34
CA THR A 359 9.19 -14.83 3.67
C THR A 359 9.37 -15.01 2.16
N ALA A 360 10.46 -14.52 1.60
CA ALA A 360 10.76 -14.71 0.18
C ALA A 360 10.88 -16.18 -0.16
N ASN A 361 11.56 -16.94 0.70
CA ASN A 361 11.81 -18.34 0.40
C ASN A 361 10.53 -19.16 0.52
N LEU A 362 9.68 -18.86 1.50
CA LEU A 362 8.40 -19.57 1.57
C LEU A 362 7.47 -19.25 0.42
N MET A 363 7.31 -17.98 0.08
CA MET A 363 6.53 -17.65 -1.10
C MET A 363 7.14 -18.27 -2.35
N GLY A 364 8.47 -18.35 -2.39
CA GLY A 364 9.19 -18.82 -3.54
C GLY A 364 9.04 -20.30 -3.83
N ARG A 365 8.35 -21.02 -2.95
N ARG A 365 8.34 -21.02 -2.96
CA ARG A 365 8.08 -22.44 -3.17
CA ARG A 365 8.06 -22.43 -3.20
C ARG A 365 6.64 -22.81 -2.83
C ARG A 365 6.62 -22.81 -2.86
N TYR A 366 5.77 -21.81 -2.69
CA TYR A 366 4.38 -22.04 -2.30
C TYR A 366 3.48 -22.18 -3.52
N SER A 367 2.89 -23.36 -3.64
N SER A 367 2.89 -23.36 -3.68
CA SER A 367 1.87 -23.66 -4.64
CA SER A 367 1.89 -23.62 -4.72
C SER A 367 0.55 -23.99 -3.98
C SER A 367 0.61 -24.18 -4.09
N ARG A 368 -0.51 -23.96 -4.76
CA ARG A 368 -1.82 -24.36 -4.27
C ARG A 368 -2.77 -24.63 -5.41
N ASN A 369 -3.39 -25.80 -5.39
CA ASN A 369 -4.46 -26.12 -6.34
C ASN A 369 -5.61 -26.70 -5.56
N GLN A 370 -6.46 -25.80 -5.04
N GLN A 370 -6.47 -25.80 -5.07
CA GLN A 370 -7.58 -26.18 -4.19
CA GLN A 370 -7.57 -26.14 -4.17
C GLN A 370 -8.86 -25.51 -4.69
C GLN A 370 -8.86 -25.50 -4.68
N LYS A 371 -9.97 -26.24 -4.61
CA LYS A 371 -11.25 -25.71 -5.05
C LYS A 371 -11.61 -24.38 -4.38
N ASP A 372 -12.20 -23.48 -5.15
CA ASP A 372 -12.70 -22.19 -4.67
C ASP A 372 -11.62 -21.20 -4.29
N LEU A 373 -10.37 -21.51 -4.63
CA LEU A 373 -9.26 -20.59 -4.38
C LEU A 373 -8.41 -20.44 -5.65
N PRO A 374 -7.81 -19.25 -5.84
CA PRO A 374 -6.95 -19.05 -7.01
C PRO A 374 -5.85 -20.11 -7.10
N ILE A 375 -5.56 -20.61 -8.29
CA ILE A 375 -4.52 -21.60 -8.46
C ILE A 375 -3.18 -20.91 -8.47
N ILE A 376 -2.30 -21.30 -7.55
CA ILE A 376 -0.97 -20.71 -7.36
C ILE A 376 0.05 -21.71 -7.90
N ASP A 377 0.77 -21.29 -8.93
CA ASP A 377 1.76 -22.10 -9.60
C ASP A 377 3.10 -21.37 -9.64
N LYS A 378 4.04 -21.91 -10.41
CA LYS A 378 5.41 -21.41 -10.39
C LYS A 378 5.53 -19.94 -10.82
N LYS A 379 4.57 -19.43 -11.58
N LYS A 379 4.58 -19.44 -11.59
CA LYS A 379 4.62 -18.03 -12.00
CA LYS A 379 4.64 -18.03 -11.99
C LYS A 379 4.52 -17.11 -10.78
C LYS A 379 4.54 -17.12 -10.77
N TRP A 380 4.00 -17.65 -9.67
CA TRP A 380 3.83 -16.87 -8.45
C TRP A 380 5.09 -16.85 -7.58
N PHE A 381 6.07 -17.69 -7.89
CA PHE A 381 7.23 -17.79 -7.03
C PHE A 381 8.09 -16.50 -6.89
N PRO A 382 8.41 -15.82 -8.00
CA PRO A 382 9.24 -14.62 -7.84
C PRO A 382 8.56 -13.58 -6.96
N ASN A 383 9.34 -12.91 -6.12
CA ASN A 383 8.76 -11.93 -5.20
C ASN A 383 9.79 -10.89 -4.75
N ASP A 384 9.35 -9.97 -3.91
CA ASP A 384 10.20 -8.90 -3.38
C ASP A 384 10.39 -9.01 -1.88
N GLY A 385 10.08 -10.19 -1.33
CA GLY A 385 10.13 -10.44 0.10
C GLY A 385 8.77 -10.41 0.77
N VAL A 386 7.79 -9.74 0.16
CA VAL A 386 6.47 -9.56 0.74
C VAL A 386 5.34 -9.88 -0.23
N VAL A 387 5.50 -9.50 -1.50
CA VAL A 387 4.45 -9.66 -2.50
C VAL A 387 4.99 -10.35 -3.75
N ASN A 388 4.24 -11.34 -4.23
CA ASN A 388 4.58 -12.02 -5.47
C ASN A 388 4.63 -11.02 -6.63
N CYS A 389 5.64 -11.11 -7.49
CA CYS A 389 5.77 -10.18 -8.60
C CYS A 389 4.58 -10.20 -9.53
N ILE A 390 4.05 -11.39 -9.79
CA ILE A 390 2.95 -11.53 -10.75
C ILE A 390 1.73 -10.70 -10.32
N SER A 391 1.58 -10.50 -9.01
CA SER A 391 0.43 -9.82 -8.44
C SER A 391 0.50 -8.30 -8.58
N GLN A 392 1.68 -7.77 -8.90
CA GLN A 392 1.95 -6.34 -8.74
C GLN A 392 1.55 -5.46 -9.93
N ASP A 393 1.44 -6.04 -11.12
CA ASP A 393 1.20 -5.22 -12.31
C ASP A 393 -0.23 -4.72 -12.45
N GLY A 394 -1.14 -5.27 -11.65
CA GLY A 394 -2.52 -4.85 -11.71
C GLY A 394 -3.42 -6.02 -11.37
N PRO A 395 -4.69 -5.73 -11.11
CA PRO A 395 -5.64 -6.78 -10.75
C PRO A 395 -5.97 -7.64 -11.98
N LYS A 396 -5.93 -8.96 -11.78
CA LYS A 396 -6.27 -9.94 -12.81
C LYS A 396 -7.26 -10.96 -12.27
N LEU A 397 -7.06 -11.45 -11.03
CA LEU A 397 -8.03 -12.35 -10.41
C LEU A 397 -9.34 -11.62 -10.26
N GLY A 398 -10.40 -12.18 -10.85
CA GLY A 398 -11.72 -11.59 -10.76
C GLY A 398 -11.88 -10.21 -11.39
N SER A 399 -10.94 -9.79 -12.26
CA SER A 399 -10.93 -8.44 -12.79
C SER A 399 -11.21 -8.40 -14.28
N ASN A 400 -11.84 -7.29 -14.70
CA ASN A 400 -11.99 -6.95 -16.11
C ASN A 400 -11.03 -5.84 -16.54
N ASP A 401 -10.16 -5.38 -15.66
CA ASP A 401 -9.24 -4.29 -16.01
C ASP A 401 -8.28 -4.72 -17.11
N VAL A 402 -7.93 -3.77 -17.98
CA VAL A 402 -6.92 -4.01 -18.99
C VAL A 402 -5.56 -3.65 -18.42
N ILE A 403 -4.59 -4.51 -18.68
CA ILE A 403 -3.19 -4.27 -18.32
C ILE A 403 -2.33 -4.43 -19.56
N GLU A 404 -1.52 -3.43 -19.85
CA GLU A 404 -0.53 -3.54 -20.91
C GLU A 404 0.80 -3.04 -20.40
N GLN A 405 1.88 -3.67 -20.84
CA GLN A 405 3.20 -3.18 -20.51
C GLN A 405 3.41 -1.83 -21.18
N TYR A 406 4.00 -0.90 -20.44
CA TYR A 406 4.26 0.43 -20.95
C TYR A 406 5.05 0.36 -22.23
N ASN A 407 4.61 1.12 -23.24
CA ASN A 407 5.14 1.02 -24.60
C ASN A 407 5.50 2.38 -25.16
N GLY A 408 5.79 3.34 -24.28
CA GLY A 408 6.21 4.66 -24.71
C GLY A 408 5.05 5.62 -24.96
N GLY A 409 3.85 5.19 -24.62
CA GLY A 409 2.69 6.07 -24.61
C GLY A 409 1.88 5.73 -23.38
N VAL A 410 1.11 6.70 -22.89
N VAL A 410 1.16 6.70 -22.82
CA VAL A 410 0.30 6.51 -21.69
CA VAL A 410 0.30 6.45 -21.67
C VAL A 410 -1.17 6.37 -22.05
C VAL A 410 -1.12 6.27 -22.14
N LYS A 411 -1.82 5.35 -21.48
CA LYS A 411 -3.21 5.05 -21.79
C LYS A 411 -4.10 5.30 -20.59
N ILE A 412 -5.15 6.09 -20.77
CA ILE A 412 -6.09 6.35 -19.69
C ILE A 412 -7.04 5.15 -19.52
N GLY A 413 -7.55 4.97 -18.30
CA GLY A 413 -8.58 3.96 -18.08
C GLY A 413 -8.11 2.53 -18.02
N GLN A 414 -6.80 2.32 -17.96
CA GLN A 414 -6.24 0.98 -17.91
C GLN A 414 -4.88 1.05 -17.21
N TRP A 415 -4.30 -0.11 -16.93
CA TRP A 415 -3.01 -0.19 -16.24
C TRP A 415 -1.84 -0.09 -17.22
N ASN A 416 -0.99 0.88 -16.95
CA ASN A 416 0.27 1.09 -17.65
C ASN A 416 1.30 0.43 -16.73
N ALA A 417 1.67 -0.81 -17.06
CA ALA A 417 2.58 -1.61 -16.25
C ALA A 417 4.02 -1.21 -16.59
N MET A 418 4.66 -0.53 -15.63
CA MET A 418 5.92 0.16 -15.89
C MET A 418 7.12 -0.79 -15.77
N PRO A 419 8.29 -0.36 -16.26
CA PRO A 419 9.45 -1.26 -16.27
C PRO A 419 9.80 -1.80 -14.88
N ARG A 420 10.02 -3.10 -14.78
CA ARG A 420 10.20 -3.74 -13.48
C ARG A 420 11.38 -3.15 -12.72
N ILE A 421 11.18 -2.96 -11.41
CA ILE A 421 12.22 -2.42 -10.56
C ILE A 421 12.94 -3.62 -9.94
N ILE A 422 13.93 -4.13 -10.65
CA ILE A 422 14.65 -5.32 -10.22
C ILE A 422 15.67 -5.01 -9.12
N ASN A 423 16.17 -6.07 -8.48
CA ASN A 423 17.15 -5.97 -7.41
C ASN A 423 16.72 -5.02 -6.30
N THR A 424 15.42 -4.99 -6.00
CA THR A 424 14.85 -4.02 -5.09
C THR A 424 13.79 -4.71 -4.26
N ASP A 425 14.01 -4.78 -2.94
CA ASP A 425 13.03 -5.44 -2.09
C ASP A 425 11.85 -4.54 -1.76
N HIS A 426 10.87 -5.13 -1.08
CA HIS A 426 9.60 -4.50 -0.82
C HIS A 426 9.71 -3.13 -0.15
N MET A 427 10.64 -3.01 0.79
N MET A 427 10.65 -2.99 0.78
CA MET A 427 10.79 -1.78 1.56
CA MET A 427 10.77 -1.74 1.53
C MET A 427 11.83 -0.82 0.94
C MET A 427 11.88 -0.81 0.99
N ASP A 428 12.78 -1.36 0.17
CA ASP A 428 13.82 -0.55 -0.45
C ASP A 428 13.22 0.59 -1.29
N ILE A 429 12.11 0.31 -1.95
CA ILE A 429 11.52 1.29 -2.87
C ILE A 429 10.91 2.49 -2.15
N VAL A 430 10.66 2.37 -0.85
CA VAL A 430 10.27 3.53 -0.04
C VAL A 430 11.42 4.00 0.87
N GLY A 431 12.65 3.62 0.54
CA GLY A 431 13.82 4.19 1.20
C GLY A 431 14.37 3.41 2.37
N THR A 432 13.79 2.23 2.62
CA THR A 432 14.17 1.37 3.72
C THR A 432 14.63 0.01 3.14
N PHE A 433 15.85 -0.07 2.61
CA PHE A 433 16.88 0.98 2.64
C PHE A 433 17.37 1.23 1.22
N GLY A 434 17.25 2.48 0.78
CA GLY A 434 17.70 2.85 -0.55
C GLY A 434 17.63 4.34 -0.77
N ASN A 435 18.45 4.79 -1.72
CA ASN A 435 18.48 6.17 -2.15
C ASN A 435 17.50 6.32 -3.30
N VAL A 436 16.31 6.86 -3.01
CA VAL A 436 15.20 6.87 -3.96
C VAL A 436 14.62 8.25 -4.25
N LYS A 437 15.17 9.31 -3.65
CA LYS A 437 14.51 10.61 -3.73
C LYS A 437 14.44 11.13 -5.17
N ASP A 438 15.49 10.93 -5.93
CA ASP A 438 15.49 11.40 -7.33
C ASP A 438 14.47 10.66 -8.18
N TRP A 439 14.28 9.37 -7.90
CA TRP A 439 13.27 8.58 -8.59
C TRP A 439 11.89 9.19 -8.37
N TYR A 440 11.58 9.50 -7.12
CA TYR A 440 10.28 10.10 -6.81
C TYR A 440 10.10 11.49 -7.40
N MET A 441 11.16 12.31 -7.40
CA MET A 441 11.07 13.63 -8.01
C MET A 441 10.83 13.53 -9.51
N ASP A 442 11.53 12.60 -10.16
CA ASP A 442 11.32 12.36 -11.58
C ASP A 442 9.93 11.83 -11.86
N TYR A 443 9.39 10.99 -10.96
CA TYR A 443 8.05 10.46 -11.18
C TYR A 443 7.02 11.58 -11.03
N ALA A 444 7.23 12.46 -10.05
CA ALA A 444 6.31 13.58 -9.87
C ALA A 444 6.30 14.43 -11.13
N SER A 445 7.48 14.69 -11.68
N SER A 445 7.47 14.68 -11.70
CA SER A 445 7.58 15.44 -12.94
CA SER A 445 7.59 15.43 -12.95
C SER A 445 6.80 14.72 -14.06
C SER A 445 6.82 14.72 -14.07
N PHE A 446 7.01 13.41 -14.16
CA PHE A 446 6.32 12.59 -15.16
C PHE A 446 4.80 12.78 -15.01
N LEU A 447 4.28 12.62 -13.81
CA LEU A 447 2.84 12.72 -13.58
C LEU A 447 2.26 14.09 -13.93
N SER A 448 3.06 15.14 -13.78
CA SER A 448 2.62 16.50 -14.07
C SER A 448 2.32 16.74 -15.56
N ASN A 449 2.80 15.85 -16.42
CA ASN A 449 2.54 15.96 -17.86
C ASN A 449 1.19 15.40 -18.29
N LEU A 450 0.55 14.60 -17.43
CA LEU A 450 -0.65 13.90 -17.85
C LEU A 450 -1.78 14.84 -18.24
N SER A 451 -2.31 14.64 -19.44
N SER A 451 -2.32 14.64 -19.44
CA SER A 451 -3.36 15.48 -20.00
CA SER A 451 -3.36 15.51 -19.98
C SER A 451 -4.71 15.24 -19.35
C SER A 451 -4.76 15.06 -19.56
N ARG A 452 -5.75 15.91 -19.85
CA ARG A 452 -7.10 15.71 -19.35
C ARG A 452 -7.80 14.55 -20.05
N ALA A 453 -8.71 13.89 -19.32
CA ALA A 453 -9.62 12.92 -19.93
C ALA A 453 -10.48 13.64 -20.97
N LEU A 454 -10.68 13.01 -22.13
CA LEU A 454 -11.56 13.58 -23.15
C LEU A 454 -13.00 13.46 -22.70
N GLU A 455 -13.42 12.41 -22.22
#